data_4QOZ
#
_entry.id   4QOZ
#
_cell.length_a   82.107
_cell.length_b   91.505
_cell.length_c   128.722
_cell.angle_alpha   90.00
_cell.angle_beta   90.00
_cell.angle_gamma   90.00
#
_symmetry.space_group_name_H-M   'P 21 21 21'
#
loop_
_entity.id
_entity.type
_entity.pdbx_description
1 polymer 'histone mRNA stem-loop'
2 polymer "3'-5' exoribonuclease 1"
3 polymer 'Histone RNA hairpin-binding protein'
4 water water
#
loop_
_entity_poly.entity_id
_entity_poly.type
_entity_poly.pdbx_seq_one_letter_code
_entity_poly.pdbx_strand_id
1 'polyribonucleotide' CCAAAGGCUCUUUUCAGAGCCACCCA A,D
2 'polypeptide(L)'
;TSSASDFSDPVYKEIAITNGCINRMSKEELRAKLSEFKLETRGVKDVLKKRLKNYYKKQKLMLKESNFADSYYDYICIID
FEATCEEGNPPEFVHEIIEFPVVLLNTHTLEIEDTFQQYVRPEINTQLSDFCISLTGITQDQVDRADTFPQVLKKVIDWM
KLKELGTKYKYSLLTDGSWDMSKFLNIQCQLSRLKYPPFAKKWINIRKSYGNFYKVPRSQTKLTIMLEKLGMDYDGRPHC
GLDDSKNIARIAVRMLQDGCELRINEKMHAGQLMSVSSSLPIEGTPPPQMPHFRKLEHHHHHH
;
B,E
3 'polypeptide(L)'
;MGSSHHHHHHSSGLVPRGSHMPADFETDESVLMRRQKQINYGKNTIAYDRYIKEVPRHLRQPGIHPK(TPO)PNKFKKYS
RRSWDQQIKLWKVALHFWDPPAEEGCDLQEIHPVDLESAESSSE
;
C
#
# COMPACT_ATOMS: atom_id res chain seq x y z
N PHE B 7 -4.37 -31.38 -21.96
CA PHE B 7 -4.29 -32.29 -20.81
C PHE B 7 -5.15 -33.54 -20.98
N SER B 8 -5.85 -33.64 -22.11
CA SER B 8 -6.76 -34.77 -22.40
C SER B 8 -6.08 -36.06 -22.86
N ASP B 9 -4.83 -36.25 -22.48
CA ASP B 9 -4.09 -37.45 -22.86
C ASP B 9 -4.10 -38.31 -21.59
N PRO B 10 -4.39 -39.61 -21.73
CA PRO B 10 -4.42 -40.53 -20.59
C PRO B 10 -3.08 -40.59 -19.84
N VAL B 11 -2.00 -40.22 -20.51
CA VAL B 11 -0.74 -40.09 -19.79
C VAL B 11 -0.85 -39.07 -18.62
N TYR B 12 -1.68 -38.03 -18.77
CA TYR B 12 -1.94 -37.11 -17.66
C TYR B 12 -2.77 -37.76 -16.54
N LYS B 13 -3.58 -38.77 -16.87
CA LYS B 13 -4.24 -39.51 -15.80
C LYS B 13 -3.18 -40.28 -15.00
N GLU B 14 -2.20 -40.85 -15.72
CA GLU B 14 -1.08 -41.52 -15.05
C GLU B 14 -0.36 -40.54 -14.10
N ILE B 15 -0.16 -39.32 -14.61
CA ILE B 15 0.57 -38.31 -13.88
C ILE B 15 -0.18 -37.84 -12.63
N ALA B 16 -1.49 -37.58 -12.76
CA ALA B 16 -2.31 -37.19 -11.62
C ALA B 16 -2.26 -38.24 -10.52
N ILE B 17 -2.36 -39.51 -10.90
CA ILE B 17 -2.29 -40.58 -9.89
C ILE B 17 -0.92 -40.60 -9.16
N THR B 18 0.16 -40.53 -9.94
CA THR B 18 1.51 -40.48 -9.36
C THR B 18 1.72 -39.27 -8.44
N ASN B 19 1.20 -38.12 -8.87
CA ASN B 19 1.20 -36.90 -8.06
C ASN B 19 0.56 -37.19 -6.74
N GLY B 20 -0.56 -37.90 -6.81
CA GLY B 20 -1.27 -38.30 -5.61
C GLY B 20 -0.39 -39.10 -4.67
N CYS B 21 0.38 -40.05 -5.23
CA CYS B 21 1.30 -40.84 -4.40
C CYS B 21 2.36 -39.96 -3.77
N ILE B 22 2.91 -39.04 -4.56
CA ILE B 22 4.00 -38.19 -4.08
C ILE B 22 3.52 -37.29 -2.96
N ASN B 23 2.28 -36.83 -3.05
CA ASN B 23 1.68 -36.01 -1.96
C ASN B 23 1.60 -36.71 -0.61
N ARG B 24 1.68 -38.03 -0.62
CA ARG B 24 1.53 -38.83 0.60
C ARG B 24 2.85 -39.40 1.11
N MET B 25 3.96 -39.05 0.46
CA MET B 25 5.29 -39.49 0.91
C MET B 25 5.83 -38.61 2.05
N SER B 26 6.65 -39.21 2.90
CA SER B 26 7.36 -38.46 3.93
C SER B 26 8.60 -37.79 3.34
N LYS B 27 9.18 -36.86 4.10
CA LYS B 27 10.39 -36.14 3.64
C LYS B 27 11.52 -37.11 3.31
N GLU B 28 11.71 -38.09 4.20
CA GLU B 28 12.81 -39.03 4.10
C GLU B 28 12.70 -39.93 2.87
N GLU B 29 11.49 -40.38 2.55
CA GLU B 29 11.33 -41.21 1.37
C GLU B 29 11.42 -40.37 0.11
N LEU B 30 10.97 -39.11 0.19
CA LEU B 30 11.19 -38.16 -0.92
C LEU B 30 12.67 -37.97 -1.26
N ARG B 31 13.49 -37.62 -0.27
CA ARG B 31 14.91 -37.41 -0.51
C ARG B 31 15.53 -38.71 -0.98
N ALA B 32 15.01 -39.84 -0.50
CA ALA B 32 15.47 -41.15 -0.98
C ALA B 32 15.20 -41.39 -2.48
N LYS B 33 13.99 -41.08 -2.92
CA LYS B 33 13.68 -41.25 -4.35
C LYS B 33 14.48 -40.28 -5.21
N LEU B 34 14.61 -39.05 -4.73
CA LEU B 34 15.36 -38.02 -5.45
C LEU B 34 16.82 -38.43 -5.61
N SER B 35 17.38 -38.91 -4.51
CA SER B 35 18.74 -39.40 -4.48
C SER B 35 18.93 -40.54 -5.47
N GLU B 36 17.96 -41.47 -5.49
CA GLU B 36 18.01 -42.61 -6.39
C GLU B 36 18.04 -42.22 -7.87
N PHE B 37 17.36 -41.12 -8.20
CA PHE B 37 17.33 -40.64 -9.58
C PHE B 37 18.40 -39.59 -9.85
N LYS B 38 19.31 -39.44 -8.89
CA LYS B 38 20.45 -38.52 -9.00
C LYS B 38 20.00 -37.07 -9.19
N LEU B 39 19.04 -36.66 -8.36
CA LEU B 39 18.54 -35.29 -8.36
C LEU B 39 18.93 -34.59 -7.06
N GLU B 40 18.91 -33.26 -7.07
CA GLU B 40 19.19 -32.47 -5.89
C GLU B 40 18.25 -32.87 -4.74
N THR B 41 18.83 -33.12 -3.57
CA THR B 41 18.03 -33.55 -2.42
C THR B 41 17.85 -32.43 -1.40
N ARG B 42 18.46 -31.27 -1.65
CA ARG B 42 18.33 -30.15 -0.72
C ARG B 42 16.95 -29.49 -0.83
N GLY B 43 16.47 -28.94 0.29
CA GLY B 43 15.21 -28.22 0.30
C GLY B 43 14.20 -28.72 1.33
N VAL B 44 13.21 -27.90 1.66
CA VAL B 44 12.15 -28.32 2.57
C VAL B 44 11.23 -29.28 1.83
N LYS B 45 10.32 -29.92 2.57
CA LYS B 45 9.48 -31.00 2.05
C LYS B 45 8.74 -30.62 0.77
N ASP B 46 8.18 -29.43 0.74
CA ASP B 46 7.39 -28.97 -0.41
C ASP B 46 8.21 -28.76 -1.69
N VAL B 47 9.46 -28.34 -1.55
CA VAL B 47 10.37 -28.21 -2.68
C VAL B 47 10.65 -29.58 -3.27
N LEU B 48 10.98 -30.54 -2.40
CA LEU B 48 11.21 -31.94 -2.79
C LEU B 48 10.01 -32.55 -3.50
N LYS B 49 8.82 -32.36 -2.94
CA LYS B 49 7.61 -32.85 -3.61
C LYS B 49 7.53 -32.31 -5.02
N LYS B 50 7.69 -30.99 -5.16
CA LYS B 50 7.59 -30.41 -6.50
C LYS B 50 8.66 -30.94 -7.50
N ARG B 51 9.88 -31.11 -7.01
CA ARG B 51 10.98 -31.62 -7.84
C ARG B 51 10.68 -33.04 -8.33
N LEU B 52 10.27 -33.90 -7.41
CA LEU B 52 9.97 -35.29 -7.77
C LEU B 52 8.80 -35.35 -8.76
N LYS B 53 7.79 -34.52 -8.54
CA LYS B 53 6.67 -34.51 -9.50
C LYS B 53 7.07 -34.05 -10.89
N ASN B 54 7.92 -33.01 -11.00
CA ASN B 54 8.35 -32.57 -12.31
C ASN B 54 9.21 -33.59 -12.99
N TYR B 55 10.03 -34.30 -12.22
CA TYR B 55 10.81 -35.38 -12.79
C TYR B 55 9.91 -36.48 -13.39
N TYR B 56 8.93 -36.97 -12.63
CA TYR B 56 8.05 -38.01 -13.19
C TYR B 56 7.26 -37.51 -14.39
N LYS B 57 6.76 -36.28 -14.30
CA LYS B 57 6.03 -35.70 -15.40
C LYS B 57 6.95 -35.68 -16.64
N LYS B 58 8.20 -35.28 -16.44
CA LYS B 58 9.18 -35.23 -17.51
C LYS B 58 9.42 -36.60 -18.13
N GLN B 59 9.61 -37.63 -17.29
CA GLN B 59 9.85 -38.97 -17.81
C GLN B 59 8.66 -39.49 -18.60
N LYS B 60 7.47 -39.33 -18.06
CA LYS B 60 6.29 -39.85 -18.72
C LYS B 60 5.93 -39.12 -20.02
N LEU B 61 6.37 -37.86 -20.13
CA LEU B 61 6.02 -37.07 -21.30
C LEU B 61 7.10 -37.13 -22.37
N MET B 62 8.15 -37.92 -22.12
CA MET B 62 9.19 -38.24 -23.10
C MET B 62 9.88 -39.57 -22.75
N SER B 71 8.27 -20.89 -27.46
CA SER B 71 8.78 -19.52 -27.41
C SER B 71 9.18 -19.08 -26.00
N TYR B 72 10.09 -19.81 -25.37
CA TYR B 72 10.57 -19.37 -24.07
C TYR B 72 11.65 -18.30 -24.25
N TYR B 73 11.99 -17.59 -23.18
CA TYR B 73 13.02 -16.56 -23.25
C TYR B 73 14.40 -17.18 -23.40
N ASP B 74 15.18 -16.60 -24.31
CA ASP B 74 16.59 -16.93 -24.44
C ASP B 74 17.36 -16.31 -23.29
N TYR B 75 16.90 -15.12 -22.86
CA TYR B 75 17.51 -14.42 -21.75
C TYR B 75 16.53 -13.83 -20.75
N ILE B 76 16.99 -13.82 -19.50
CA ILE B 76 16.29 -13.10 -18.46
C ILE B 76 17.24 -12.10 -17.78
N CYS B 77 16.84 -10.82 -17.77
CA CYS B 77 17.57 -9.73 -17.09
C CYS B 77 17.07 -9.51 -15.67
N ILE B 78 17.89 -9.88 -14.69
CA ILE B 78 17.55 -9.68 -13.29
C ILE B 78 18.01 -8.32 -12.78
N ILE B 79 17.08 -7.55 -12.24
CA ILE B 79 17.38 -6.23 -11.69
C ILE B 79 16.93 -6.09 -10.24
N ASP B 80 17.84 -5.69 -9.35
CA ASP B 80 17.52 -5.39 -7.96
C ASP B 80 18.10 -4.04 -7.52
N PHE B 81 17.33 -2.96 -7.68
CA PHE B 81 17.75 -1.60 -7.29
C PHE B 81 18.04 -1.46 -5.79
N GLU B 82 18.97 -0.59 -5.44
CA GLU B 82 19.10 -0.11 -4.07
C GLU B 82 18.80 1.38 -4.08
N ALA B 83 18.26 1.88 -2.99
CA ALA B 83 17.82 3.26 -2.96
C ALA B 83 18.20 3.93 -1.65
N THR B 84 18.21 5.27 -1.66
CA THR B 84 18.33 6.02 -0.43
C THR B 84 17.24 5.60 0.58
N CYS B 85 17.59 5.59 1.85
CA CYS B 85 16.63 5.16 2.87
C CYS B 85 16.98 5.77 4.22
N GLU B 86 16.07 5.63 5.18
CA GLU B 86 16.34 6.09 6.54
C GLU B 86 15.77 5.12 7.59
N GLU B 87 16.33 5.19 8.80
CA GLU B 87 15.93 4.32 9.91
C GLU B 87 14.41 4.16 10.02
N GLY B 88 13.99 3.00 10.49
CA GLY B 88 12.57 2.77 10.74
C GLY B 88 11.70 2.68 9.50
N ASN B 89 12.31 2.89 8.34
CA ASN B 89 11.60 2.67 7.08
C ASN B 89 10.26 3.41 6.94
N PRO B 90 10.28 4.75 7.02
CA PRO B 90 9.01 5.48 6.93
C PRO B 90 8.32 5.33 5.56
N PRO B 91 6.99 5.16 5.57
CA PRO B 91 6.14 4.88 4.39
C PRO B 91 6.08 6.01 3.36
N GLU B 92 6.23 7.25 3.80
CA GLU B 92 6.16 8.40 2.89
C GLU B 92 7.53 8.98 2.57
N PHE B 93 8.52 8.11 2.49
CA PHE B 93 9.86 8.55 2.14
C PHE B 93 10.03 8.59 0.62
N VAL B 94 10.64 9.66 0.09
CA VAL B 94 10.90 9.72 -1.34
C VAL B 94 12.25 9.08 -1.70
N HIS B 95 12.21 7.87 -2.24
CA HIS B 95 13.41 7.10 -2.57
C HIS B 95 14.05 7.51 -3.88
N GLU B 96 15.38 7.54 -3.90
CA GLU B 96 16.13 7.72 -5.13
C GLU B 96 17.05 6.53 -5.34
N ILE B 97 17.08 6.01 -6.56
CA ILE B 97 17.94 4.88 -6.90
C ILE B 97 19.43 5.30 -6.81
N ILE B 98 20.22 4.51 -6.08
CA ILE B 98 21.65 4.75 -5.96
C ILE B 98 22.53 3.61 -6.51
N GLU B 99 21.92 2.48 -6.86
CA GLU B 99 22.63 1.38 -7.51
C GLU B 99 21.75 0.72 -8.57
N PHE B 100 22.31 0.59 -9.76
CA PHE B 100 21.60 0.02 -10.88
C PHE B 100 22.42 -1.18 -11.40
N PRO B 101 22.04 -2.39 -10.95
CA PRO B 101 22.63 -3.67 -11.36
C PRO B 101 21.75 -4.41 -12.36
N VAL B 102 22.38 -5.13 -13.28
CA VAL B 102 21.68 -6.03 -14.18
C VAL B 102 22.45 -7.33 -14.26
N VAL B 103 21.78 -8.45 -14.01
CA VAL B 103 22.39 -9.75 -14.22
C VAL B 103 21.75 -10.45 -15.40
N LEU B 104 22.55 -10.76 -16.40
CA LEU B 104 22.04 -11.43 -17.60
C LEU B 104 22.13 -12.94 -17.49
N LEU B 105 20.97 -13.60 -17.46
CA LEU B 105 20.88 -15.06 -17.30
C LEU B 105 20.47 -15.75 -18.61
N ASN B 106 21.36 -16.58 -19.12
CA ASN B 106 21.09 -17.40 -20.32
C ASN B 106 20.24 -18.61 -19.91
N THR B 107 19.03 -18.70 -20.44
CA THR B 107 18.13 -19.77 -20.02
C THR B 107 18.42 -21.16 -20.64
N HIS B 108 19.26 -21.21 -21.67
CA HIS B 108 19.63 -22.48 -22.30
C HIS B 108 20.79 -23.14 -21.53
N THR B 109 21.85 -22.38 -21.29
CA THR B 109 22.96 -22.88 -20.50
C THR B 109 22.73 -22.77 -19.00
N LEU B 110 21.67 -22.05 -18.63
CA LEU B 110 21.36 -21.78 -17.23
C LEU B 110 22.56 -21.20 -16.50
N GLU B 111 23.24 -20.27 -17.16
CA GLU B 111 24.38 -19.61 -16.56
C GLU B 111 24.27 -18.09 -16.67
N ILE B 112 24.88 -17.41 -15.73
CA ILE B 112 25.02 -15.97 -15.80
C ILE B 112 26.07 -15.61 -16.84
N GLU B 113 25.65 -14.98 -17.92
CA GLU B 113 26.56 -14.69 -19.01
C GLU B 113 27.31 -13.39 -18.86
N ASP B 114 26.70 -12.43 -18.18
CA ASP B 114 27.30 -11.12 -18.00
C ASP B 114 26.56 -10.31 -16.93
N THR B 115 27.25 -9.31 -16.39
CA THR B 115 26.67 -8.39 -15.43
C THR B 115 26.97 -6.96 -15.77
N PHE B 116 26.13 -6.08 -15.25
CA PHE B 116 26.27 -4.64 -15.38
C PHE B 116 26.04 -4.03 -14.01
N GLN B 117 26.82 -3.02 -13.66
CA GLN B 117 26.65 -2.34 -12.39
C GLN B 117 27.10 -0.90 -12.41
N GLN B 118 26.20 0.04 -12.16
CA GLN B 118 26.61 1.42 -11.96
C GLN B 118 25.92 2.05 -10.77
N TYR B 119 26.68 2.80 -9.99
CA TYR B 119 26.08 3.59 -8.94
C TYR B 119 25.44 4.81 -9.54
N VAL B 120 24.49 5.40 -8.83
CA VAL B 120 23.73 6.51 -9.35
C VAL B 120 23.77 7.65 -8.36
N ARG B 121 23.96 8.86 -8.87
CA ARG B 121 24.03 10.02 -8.00
C ARG B 121 22.67 10.69 -7.85
N PRO B 122 22.07 10.58 -6.66
CA PRO B 122 20.77 11.18 -6.43
C PRO B 122 20.85 12.71 -6.46
N GLU B 123 19.80 13.36 -6.95
CA GLU B 123 19.83 14.81 -7.08
C GLU B 123 19.19 15.55 -5.90
N ILE B 124 18.21 14.94 -5.25
CA ILE B 124 17.55 15.63 -4.15
C ILE B 124 18.31 15.46 -2.85
N ASN B 125 18.26 14.27 -2.26
CA ASN B 125 19.09 13.96 -1.10
C ASN B 125 20.44 13.43 -1.53
N THR B 126 21.40 14.33 -1.78
CA THR B 126 22.71 13.89 -2.27
C THR B 126 23.53 13.17 -1.21
N GLN B 127 23.13 13.32 0.04
CA GLN B 127 23.90 12.78 1.15
C GLN B 127 23.22 11.53 1.70
N LEU B 128 23.90 10.39 1.63
CA LEU B 128 23.34 9.15 2.18
C LEU B 128 23.27 9.19 3.71
N SER B 129 22.16 8.75 4.29
CA SER B 129 22.06 8.63 5.74
C SER B 129 23.09 7.61 6.24
N ASP B 130 23.34 7.57 7.54
CA ASP B 130 24.22 6.56 8.09
C ASP B 130 23.58 5.18 7.98
N PHE B 131 22.27 5.15 8.17
CA PHE B 131 21.56 3.89 8.10
C PHE B 131 21.67 3.30 6.70
N CYS B 132 21.52 4.14 5.69
CA CYS B 132 21.62 3.70 4.31
C CYS B 132 23.00 3.12 3.96
N ILE B 133 24.04 3.81 4.38
CA ILE B 133 25.41 3.39 4.14
C ILE B 133 25.67 2.06 4.82
N SER B 134 25.13 1.88 6.02
CA SER B 134 25.29 0.63 6.76
C SER B 134 24.49 -0.52 6.17
N LEU B 135 23.29 -0.20 5.69
CA LEU B 135 22.39 -1.20 5.12
C LEU B 135 22.88 -1.72 3.77
N THR B 136 23.16 -0.81 2.84
CA THR B 136 23.51 -1.21 1.47
C THR B 136 25.01 -1.40 1.25
N GLY B 137 25.82 -0.77 2.09
CA GLY B 137 27.27 -0.82 1.93
C GLY B 137 27.77 0.18 0.91
N ILE B 138 26.86 0.90 0.28
CA ILE B 138 27.23 1.91 -0.70
C ILE B 138 27.73 3.14 0.05
N THR B 139 28.91 3.63 -0.34
CA THR B 139 29.59 4.69 0.38
C THR B 139 29.31 6.04 -0.25
N GLN B 140 29.47 7.10 0.53
CA GLN B 140 29.22 8.44 0.01
C GLN B 140 30.11 8.79 -1.19
N ASP B 141 31.38 8.41 -1.16
CA ASP B 141 32.27 8.74 -2.27
C ASP B 141 31.84 8.03 -3.55
N GLN B 142 31.33 6.81 -3.40
CA GLN B 142 30.89 6.03 -4.55
C GLN B 142 29.76 6.73 -5.27
N VAL B 143 28.90 7.38 -4.49
CA VAL B 143 27.75 8.07 -5.04
C VAL B 143 28.13 9.47 -5.51
N ASP B 144 29.14 10.05 -4.88
CA ASP B 144 29.61 11.38 -5.25
C ASP B 144 30.19 11.46 -6.66
N ARG B 145 30.85 10.41 -7.10
CA ARG B 145 31.44 10.43 -8.44
C ARG B 145 30.63 9.64 -9.48
N ALA B 146 29.41 9.23 -9.12
CA ALA B 146 28.54 8.53 -10.07
C ALA B 146 27.86 9.51 -11.03
N ASP B 147 27.32 8.95 -12.12
CA ASP B 147 26.44 9.70 -13.03
C ASP B 147 25.03 9.87 -12.47
N THR B 148 24.22 10.67 -13.17
CA THR B 148 22.82 10.82 -12.80
C THR B 148 22.02 9.63 -13.29
N PHE B 149 20.74 9.55 -12.91
CA PHE B 149 19.95 8.41 -13.29
C PHE B 149 19.74 8.32 -14.80
N PRO B 150 19.40 9.44 -15.48
CA PRO B 150 19.24 9.30 -16.93
C PRO B 150 20.50 8.81 -17.65
N GLN B 151 21.66 9.29 -17.22
CA GLN B 151 22.92 8.85 -17.83
C GLN B 151 23.13 7.36 -17.66
N VAL B 152 22.91 6.88 -16.44
CA VAL B 152 23.10 5.47 -16.15
C VAL B 152 22.09 4.62 -16.92
N LEU B 153 20.85 5.08 -16.99
CA LEU B 153 19.83 4.35 -17.75
C LEU B 153 20.24 4.23 -19.22
N LYS B 154 20.75 5.32 -19.78
CA LYS B 154 21.31 5.30 -21.13
C LYS B 154 22.39 4.21 -21.25
N LYS B 155 23.29 4.15 -20.27
CA LYS B 155 24.31 3.12 -20.33
C LYS B 155 23.74 1.70 -20.27
N VAL B 156 22.72 1.50 -19.42
CA VAL B 156 22.07 0.22 -19.27
C VAL B 156 21.50 -0.21 -20.60
N ILE B 157 20.82 0.71 -21.25
CA ILE B 157 20.16 0.39 -22.50
C ILE B 157 21.17 0.11 -23.62
N ASP B 158 22.25 0.89 -23.72
CA ASP B 158 23.27 0.58 -24.74
C ASP B 158 23.84 -0.82 -24.50
N TRP B 159 24.04 -1.14 -23.22
CA TRP B 159 24.53 -2.45 -22.86
C TRP B 159 23.53 -3.58 -23.28
N MET B 160 22.25 -3.35 -23.11
CA MET B 160 21.26 -4.35 -23.52
C MET B 160 21.26 -4.52 -25.04
N LYS B 161 21.43 -3.41 -25.75
CA LYS B 161 21.46 -3.43 -27.22
C LYS B 161 22.68 -4.21 -27.73
N LEU B 162 23.83 -4.02 -27.08
CA LEU B 162 25.00 -4.82 -27.43
C LEU B 162 24.78 -6.32 -27.28
N LYS B 163 23.89 -6.72 -26.37
CA LYS B 163 23.56 -8.13 -26.18
C LYS B 163 22.43 -8.55 -27.11
N GLU B 164 21.93 -7.60 -27.90
CA GLU B 164 20.83 -7.84 -28.85
C GLU B 164 19.56 -8.37 -28.19
N LEU B 165 19.20 -7.81 -27.03
CA LEU B 165 17.94 -8.19 -26.36
C LEU B 165 16.74 -7.59 -27.08
N GLY B 166 15.80 -8.44 -27.46
CA GLY B 166 14.59 -7.97 -28.10
C GLY B 166 14.69 -7.94 -29.60
N THR B 167 15.90 -8.09 -30.12
CA THR B 167 16.09 -8.18 -31.57
C THR B 167 16.44 -9.62 -31.93
N LYS B 168 17.67 -10.02 -31.64
CA LYS B 168 18.04 -11.41 -31.87
C LYS B 168 17.50 -12.34 -30.79
N TYR B 169 17.51 -11.89 -29.55
CA TYR B 169 17.13 -12.79 -28.45
C TYR B 169 15.83 -12.37 -27.81
N LYS B 170 15.00 -13.36 -27.52
CA LYS B 170 13.80 -13.16 -26.71
C LYS B 170 14.19 -12.97 -25.26
N TYR B 171 13.64 -11.96 -24.62
CA TYR B 171 14.03 -11.74 -23.24
C TYR B 171 12.93 -11.20 -22.39
N SER B 172 13.18 -11.26 -21.09
CA SER B 172 12.27 -10.65 -20.15
C SER B 172 13.04 -10.09 -18.96
N LEU B 173 12.46 -9.10 -18.29
CA LEU B 173 12.98 -8.61 -17.01
C LEU B 173 12.41 -9.42 -15.84
N LEU B 174 13.22 -9.56 -14.81
CA LEU B 174 12.79 -10.27 -13.62
C LEU B 174 13.25 -9.50 -12.37
N THR B 175 12.36 -9.39 -11.38
CA THR B 175 12.64 -8.70 -10.13
C THR B 175 12.21 -9.55 -8.92
N ASP B 176 12.82 -9.32 -7.75
CA ASP B 176 12.36 -9.95 -6.50
C ASP B 176 11.22 -9.13 -5.90
N GLY B 177 10.01 -9.32 -6.42
CA GLY B 177 8.89 -8.55 -5.93
C GLY B 177 8.31 -7.67 -7.02
N SER B 178 7.61 -6.62 -6.62
CA SER B 178 6.98 -5.73 -7.59
C SER B 178 7.34 -4.27 -7.37
N TRP B 179 8.15 -3.98 -6.35
CA TRP B 179 8.45 -2.58 -6.05
C TRP B 179 9.61 -2.00 -6.84
N ASP B 180 10.57 -2.82 -7.27
CA ASP B 180 11.71 -2.31 -8.06
C ASP B 180 11.18 -1.50 -9.25
N MET B 181 10.17 -2.01 -9.91
CA MET B 181 9.62 -1.35 -11.09
C MET B 181 8.43 -0.42 -10.84
N SER B 182 7.47 -0.85 -10.03
CA SER B 182 6.25 -0.08 -9.80
C SER B 182 6.45 1.03 -8.77
N LYS B 183 7.50 0.93 -7.97
CA LYS B 183 7.82 1.96 -7.01
C LYS B 183 9.15 2.69 -7.33
N PHE B 184 10.27 2.00 -7.27
CA PHE B 184 11.56 2.69 -7.36
C PHE B 184 11.83 3.28 -8.75
N LEU B 185 11.71 2.48 -9.81
CA LEU B 185 11.90 3.00 -11.15
C LEU B 185 10.82 4.04 -11.53
N ASN B 186 9.57 3.76 -11.17
CA ASN B 186 8.43 4.65 -11.35
C ASN B 186 8.68 6.07 -10.76
N ILE B 187 8.97 6.10 -9.45
CA ILE B 187 9.28 7.33 -8.75
C ILE B 187 10.54 8.02 -9.33
N GLN B 188 11.64 7.28 -9.52
CA GLN B 188 12.87 7.84 -10.04
C GLN B 188 12.64 8.51 -11.40
N CYS B 189 11.85 7.86 -12.24
CA CYS B 189 11.54 8.46 -13.53
C CYS B 189 10.78 9.77 -13.35
N GLN B 190 9.79 9.79 -12.46
CA GLN B 190 9.12 11.07 -12.16
C GLN B 190 10.10 12.17 -11.70
N LEU B 191 10.97 11.83 -10.76
CA LEU B 191 11.94 12.78 -10.22
C LEU B 191 12.90 13.31 -11.29
N SER B 192 13.25 12.46 -12.27
CA SER B 192 14.20 12.83 -13.33
C SER B 192 13.49 13.38 -14.54
N ARG B 193 12.16 13.50 -14.44
CA ARG B 193 11.33 14.00 -15.51
C ARG B 193 11.34 13.16 -16.80
N LEU B 194 11.67 11.88 -16.68
CA LEU B 194 11.66 10.95 -17.81
C LEU B 194 10.32 10.26 -17.96
N LYS B 195 9.93 9.97 -19.20
CA LYS B 195 8.83 9.06 -19.43
C LYS B 195 9.27 7.69 -18.95
N TYR B 196 8.36 6.93 -18.37
CA TYR B 196 8.67 5.57 -17.96
C TYR B 196 8.96 4.70 -19.20
N PRO B 197 10.06 3.95 -19.19
CA PRO B 197 10.49 3.18 -20.39
C PRO B 197 9.60 1.97 -20.68
N PRO B 198 9.03 1.88 -21.89
CA PRO B 198 8.14 0.78 -22.29
C PRO B 198 8.73 -0.62 -22.12
N PHE B 199 10.03 -0.81 -22.31
CA PHE B 199 10.57 -2.15 -22.11
C PHE B 199 10.47 -2.60 -20.65
N ALA B 200 10.08 -1.69 -19.77
CA ALA B 200 10.05 -1.98 -18.35
C ALA B 200 8.65 -2.07 -17.79
N LYS B 201 7.64 -2.05 -18.66
CA LYS B 201 6.26 -2.06 -18.21
C LYS B 201 5.76 -3.45 -17.81
N LYS B 202 6.47 -4.52 -18.17
CA LYS B 202 6.07 -5.88 -17.79
C LYS B 202 7.30 -6.63 -17.28
N TRP B 203 7.12 -7.51 -16.31
CA TRP B 203 8.26 -8.23 -15.76
C TRP B 203 7.83 -9.49 -15.03
N ILE B 204 8.81 -10.31 -14.67
CA ILE B 204 8.57 -11.49 -13.86
C ILE B 204 8.84 -11.20 -12.39
N ASN B 205 7.79 -11.29 -11.58
CA ASN B 205 7.93 -11.19 -10.14
C ASN B 205 8.22 -12.58 -9.65
N ILE B 206 9.47 -12.85 -9.34
CA ILE B 206 9.86 -14.18 -8.98
C ILE B 206 9.34 -14.58 -7.60
N ARG B 207 8.93 -13.61 -6.78
CA ARG B 207 8.27 -13.95 -5.51
C ARG B 207 6.94 -14.64 -5.72
N LYS B 208 6.09 -14.01 -6.52
CA LYS B 208 4.82 -14.58 -6.92
C LYS B 208 5.05 -15.96 -7.57
N SER B 209 6.02 -16.07 -8.46
CA SER B 209 6.32 -17.35 -9.12
C SER B 209 6.74 -18.44 -8.13
N TYR B 210 7.70 -18.13 -7.28
CA TYR B 210 8.15 -19.05 -6.23
C TYR B 210 7.01 -19.48 -5.33
N GLY B 211 6.16 -18.53 -4.94
CA GLY B 211 5.05 -18.84 -4.06
C GLY B 211 4.10 -19.82 -4.73
N ASN B 212 3.78 -19.57 -6.00
CA ASN B 212 2.88 -20.46 -6.73
C ASN B 212 3.47 -21.83 -6.99
N PHE B 213 4.78 -21.90 -7.19
CA PHE B 213 5.42 -23.12 -7.65
C PHE B 213 5.76 -24.09 -6.54
N TYR B 214 6.37 -23.62 -5.47
CA TYR B 214 6.71 -24.53 -4.40
C TYR B 214 5.61 -24.58 -3.33
N LYS B 215 4.59 -23.72 -3.47
CA LYS B 215 3.53 -23.51 -2.45
C LYS B 215 4.11 -23.06 -1.13
N VAL B 216 5.22 -22.33 -1.17
CA VAL B 216 5.95 -22.03 0.06
C VAL B 216 6.85 -20.82 -0.12
N GLN B 220 5.62 -15.90 3.73
CA GLN B 220 6.03 -14.51 3.79
C GLN B 220 7.37 -14.28 3.06
N THR B 221 7.31 -14.30 1.74
CA THR B 221 8.47 -14.39 0.87
C THR B 221 9.55 -13.27 0.99
N LYS B 222 10.75 -13.68 1.39
CA LYS B 222 11.92 -12.83 1.34
C LYS B 222 13.05 -13.58 0.63
N LEU B 223 14.07 -12.85 0.17
CA LEU B 223 15.13 -13.47 -0.61
C LEU B 223 15.85 -14.55 0.19
N THR B 224 16.18 -14.24 1.44
CA THR B 224 16.95 -15.15 2.27
C THR B 224 16.13 -16.38 2.68
N ILE B 225 14.83 -16.21 2.79
CA ILE B 225 13.99 -17.33 3.17
C ILE B 225 13.82 -18.25 1.98
N MET B 226 13.64 -17.65 0.80
CA MET B 226 13.57 -18.37 -0.47
C MET B 226 14.83 -19.22 -0.69
N LEU B 227 15.98 -18.63 -0.41
CA LEU B 227 17.22 -19.39 -0.44
C LEU B 227 17.22 -20.52 0.58
N GLU B 228 16.84 -20.20 1.82
CA GLU B 228 16.85 -21.18 2.90
C GLU B 228 15.96 -22.40 2.63
N LYS B 229 14.77 -22.16 2.09
CA LYS B 229 13.85 -23.26 1.84
C LYS B 229 14.37 -24.15 0.73
N LEU B 230 15.31 -23.64 -0.05
CA LEU B 230 15.94 -24.43 -1.10
C LEU B 230 17.22 -25.09 -0.60
N GLY B 231 17.55 -24.88 0.68
CA GLY B 231 18.79 -25.42 1.22
C GLY B 231 20.04 -24.71 0.69
N MET B 232 19.88 -23.48 0.23
CA MET B 232 20.97 -22.70 -0.35
C MET B 232 21.54 -21.69 0.64
N ASP B 233 22.84 -21.43 0.53
CA ASP B 233 23.50 -20.39 1.30
C ASP B 233 23.62 -19.11 0.47
N TYR B 234 23.47 -17.96 1.12
CA TYR B 234 23.68 -16.68 0.45
C TYR B 234 25.15 -16.47 0.10
N ASP B 235 25.39 -15.97 -1.11
CA ASP B 235 26.75 -15.66 -1.58
C ASP B 235 26.95 -14.18 -1.90
N GLY B 236 27.78 -13.50 -1.12
CA GLY B 236 28.05 -12.08 -1.29
C GLY B 236 27.60 -11.26 -0.09
N ARG B 237 27.45 -9.95 -0.26
CA ARG B 237 26.96 -9.09 0.82
C ARG B 237 25.52 -8.67 0.59
N PRO B 238 24.64 -8.93 1.56
CA PRO B 238 23.21 -8.59 1.45
C PRO B 238 22.98 -7.11 1.21
N HIS B 239 22.00 -6.79 0.36
CA HIS B 239 21.63 -5.41 0.03
C HIS B 239 22.67 -4.66 -0.80
N CYS B 240 23.73 -5.35 -1.20
CA CYS B 240 24.44 -4.94 -2.40
C CYS B 240 23.54 -5.40 -3.55
N GLY B 241 23.15 -4.47 -4.42
CA GLY B 241 22.24 -4.79 -5.51
C GLY B 241 22.69 -5.92 -6.42
N LEU B 242 23.95 -5.88 -6.84
CA LEU B 242 24.46 -6.90 -7.76
C LEU B 242 24.47 -8.28 -7.13
N ASP B 243 24.97 -8.39 -5.89
CA ASP B 243 25.00 -9.66 -5.20
C ASP B 243 23.59 -10.24 -4.98
N ASP B 244 22.62 -9.37 -4.67
CA ASP B 244 21.23 -9.80 -4.56
C ASP B 244 20.72 -10.34 -5.87
N SER B 245 21.03 -9.62 -6.95
CA SER B 245 20.65 -10.05 -8.27
C SER B 245 21.26 -11.41 -8.63
N LYS B 246 22.51 -11.63 -8.23
CA LYS B 246 23.16 -12.91 -8.49
C LYS B 246 22.49 -14.02 -7.69
N ASN B 247 22.12 -13.73 -6.46
CA ASN B 247 21.44 -14.74 -5.66
C ASN B 247 20.02 -15.06 -6.18
N ILE B 248 19.31 -14.04 -6.68
CA ILE B 248 18.02 -14.23 -7.35
C ILE B 248 18.20 -15.09 -8.59
N ALA B 249 19.32 -14.90 -9.28
CA ALA B 249 19.65 -15.72 -10.45
C ALA B 249 19.79 -17.18 -10.05
N ARG B 250 20.50 -17.42 -8.95
CA ARG B 250 20.62 -18.79 -8.48
C ARG B 250 19.22 -19.38 -8.24
N ILE B 251 18.36 -18.63 -7.54
CA ILE B 251 17.00 -19.10 -7.34
C ILE B 251 16.26 -19.41 -8.65
N ALA B 252 16.35 -18.52 -9.65
CA ALA B 252 15.65 -18.73 -10.92
C ALA B 252 16.19 -19.97 -11.65
N VAL B 253 17.49 -20.19 -11.58
CA VAL B 253 18.10 -21.36 -12.20
C VAL B 253 17.56 -22.62 -11.54
N ARG B 254 17.53 -22.63 -10.21
CA ARG B 254 17.01 -23.79 -9.48
C ARG B 254 15.54 -24.02 -9.83
N MET B 255 14.74 -22.96 -9.94
CA MET B 255 13.33 -23.14 -10.32
C MET B 255 13.20 -23.71 -11.72
N LEU B 256 14.03 -23.24 -12.66
CA LEU B 256 13.98 -23.70 -14.06
C LEU B 256 14.41 -25.16 -14.16
N GLN B 257 15.41 -25.54 -13.38
CA GLN B 257 15.81 -26.93 -13.30
C GLN B 257 14.71 -27.83 -12.71
N ASP B 258 13.88 -27.28 -11.83
CA ASP B 258 12.76 -28.01 -11.24
C ASP B 258 11.55 -27.98 -12.14
N GLY B 259 11.67 -27.37 -13.31
CA GLY B 259 10.59 -27.38 -14.28
C GLY B 259 9.57 -26.25 -14.22
N CYS B 260 9.85 -25.19 -13.48
CA CYS B 260 8.96 -24.02 -13.48
C CYS B 260 9.11 -23.26 -14.79
N GLU B 261 8.00 -22.87 -15.40
CA GLU B 261 8.14 -22.03 -16.58
C GLU B 261 7.92 -20.58 -16.16
N LEU B 262 9.02 -19.90 -15.80
CA LEU B 262 8.99 -18.50 -15.43
C LEU B 262 8.43 -17.67 -16.57
N ARG B 263 7.41 -16.89 -16.25
CA ARG B 263 6.62 -16.19 -17.25
C ARG B 263 6.27 -14.78 -16.75
N ILE B 264 6.21 -13.80 -17.65
CA ILE B 264 5.84 -12.44 -17.28
C ILE B 264 4.47 -12.45 -16.60
N ASN B 265 4.39 -11.90 -15.38
CA ASN B 265 3.14 -11.94 -14.60
C ASN B 265 2.71 -10.60 -13.96
N GLU B 266 3.46 -9.53 -14.19
CA GLU B 266 3.09 -8.21 -13.68
C GLU B 266 3.32 -7.14 -14.72
N LYS B 267 2.56 -6.07 -14.66
CA LYS B 267 2.76 -4.95 -15.55
C LYS B 267 2.40 -3.65 -14.87
N MET B 268 2.87 -2.55 -15.43
CA MET B 268 2.37 -1.22 -15.08
C MET B 268 1.39 -0.83 -16.16
N HIS B 269 0.19 -0.45 -15.75
CA HIS B 269 -0.81 0.06 -16.69
C HIS B 269 -1.53 1.24 -16.05
N ALA B 270 -1.45 2.39 -16.70
CA ALA B 270 -2.00 3.65 -16.20
C ALA B 270 -1.40 4.01 -14.85
N GLY B 271 -0.13 3.72 -14.67
CA GLY B 271 0.54 4.01 -13.41
C GLY B 271 0.07 3.10 -12.28
N GLN B 272 -0.70 2.07 -12.59
CA GLN B 272 -1.14 1.13 -11.57
C GLN B 272 -0.43 -0.20 -11.76
N LEU B 273 -0.07 -0.83 -10.64
CA LEU B 273 0.48 -2.17 -10.64
C LEU B 273 -0.64 -3.15 -10.99
N MET B 274 -0.42 -4.01 -11.98
CA MET B 274 -1.42 -5.01 -12.36
C MET B 274 -0.83 -6.39 -12.64
N SER B 275 -1.72 -7.38 -12.64
CA SER B 275 -1.35 -8.74 -12.90
C SER B 275 -1.39 -8.98 -14.40
N VAL B 276 -0.54 -9.87 -14.90
CA VAL B 276 -0.62 -10.30 -16.30
C VAL B 276 -1.09 -11.74 -16.32
N SER B 277 -2.19 -11.99 -17.04
CA SER B 277 -2.84 -13.30 -17.05
C SER B 277 -1.92 -14.42 -17.54
N SER B 278 -1.94 -15.53 -16.81
CA SER B 278 -1.10 -16.69 -17.13
C SER B 278 -1.58 -17.43 -18.38
N SER B 279 -2.81 -17.17 -18.80
CA SER B 279 -3.38 -17.85 -19.96
C SER B 279 -2.81 -17.31 -21.28
N LEU B 280 -2.56 -15.99 -21.34
CA LEU B 280 -2.09 -15.32 -22.55
C LEU B 280 -0.83 -15.96 -23.09
N PRO B 281 -0.68 -16.00 -24.42
CA PRO B 281 0.53 -16.54 -25.05
C PRO B 281 1.79 -15.82 -24.56
N ILE B 282 2.85 -16.58 -24.29
CA ILE B 282 4.07 -16.01 -23.75
C ILE B 282 4.66 -14.99 -24.75
N GLU B 283 4.76 -13.75 -24.30
CA GLU B 283 5.16 -12.65 -25.17
C GLU B 283 6.48 -12.05 -24.70
N GLY B 284 7.23 -11.50 -25.64
CA GLY B 284 8.52 -10.93 -25.32
C GLY B 284 8.48 -9.45 -24.96
N THR B 285 9.56 -9.02 -24.32
CA THR B 285 9.78 -7.63 -24.02
C THR B 285 10.33 -6.96 -25.28
N PRO B 286 9.80 -5.77 -25.62
CA PRO B 286 10.32 -4.96 -26.75
C PRO B 286 11.80 -4.65 -26.58
N PRO B 287 12.52 -4.44 -27.70
CA PRO B 287 13.92 -4.01 -27.56
C PRO B 287 13.96 -2.66 -26.85
N PRO B 288 14.95 -2.49 -25.96
CA PRO B 288 14.97 -1.33 -25.07
C PRO B 288 15.32 -0.05 -25.82
N GLN B 289 14.67 1.05 -25.47
CA GLN B 289 15.00 2.36 -26.05
C GLN B 289 15.06 3.41 -24.95
N MET B 290 15.94 4.40 -25.09
CA MET B 290 16.01 5.45 -24.10
C MET B 290 14.74 6.28 -24.13
N PRO B 291 14.05 6.39 -22.99
CA PRO B 291 12.82 7.18 -22.96
C PRO B 291 13.18 8.66 -23.08
N HIS B 292 12.25 9.47 -23.57
CA HIS B 292 12.49 10.89 -23.73
C HIS B 292 12.16 11.68 -22.47
N PHE B 293 12.67 12.90 -22.36
CA PHE B 293 12.27 13.74 -21.24
C PHE B 293 10.84 14.21 -21.40
N ARG B 294 10.27 14.65 -20.28
CA ARG B 294 8.92 15.19 -20.18
C ARG B 294 7.88 14.09 -20.32
N ASP C 24 -28.68 -19.20 9.33
CA ASP C 24 -28.91 -19.11 7.89
C ASP C 24 -27.87 -19.88 7.04
N PHE C 25 -28.35 -20.51 5.96
CA PHE C 25 -27.57 -21.44 5.16
C PHE C 25 -27.22 -20.89 3.77
N GLU C 26 -26.44 -21.65 3.01
CA GLU C 26 -26.04 -21.26 1.65
C GLU C 26 -27.18 -21.41 0.64
N THR C 27 -27.61 -20.28 0.07
CA THR C 27 -28.78 -20.25 -0.80
C THR C 27 -28.48 -19.83 -2.25
N ASP C 28 -27.32 -19.22 -2.48
CA ASP C 28 -26.92 -18.79 -3.82
C ASP C 28 -26.75 -19.98 -4.78
N GLU C 29 -27.61 -20.02 -5.77
CA GLU C 29 -27.70 -21.14 -6.71
C GLU C 29 -26.41 -21.34 -7.53
N SER C 30 -25.62 -20.28 -7.69
CA SER C 30 -24.34 -20.39 -8.41
C SER C 30 -23.31 -21.20 -7.62
N VAL C 31 -23.20 -20.87 -6.33
CA VAL C 31 -22.35 -21.62 -5.42
C VAL C 31 -22.80 -23.09 -5.33
N LEU C 32 -24.10 -23.30 -5.18
CA LEU C 32 -24.66 -24.65 -5.08
C LEU C 32 -24.36 -25.45 -6.34
N MET C 33 -24.53 -24.85 -7.51
CA MET C 33 -24.22 -25.51 -8.78
C MET C 33 -22.75 -25.94 -8.85
N ARG C 34 -21.85 -25.00 -8.57
CA ARG C 34 -20.42 -25.32 -8.58
C ARG C 34 -20.16 -26.50 -7.62
N ARG C 35 -20.72 -26.44 -6.42
CA ARG C 35 -20.46 -27.46 -5.40
C ARG C 35 -20.99 -28.83 -5.80
N GLN C 36 -22.19 -28.87 -6.36
CA GLN C 36 -22.75 -30.13 -6.83
C GLN C 36 -21.84 -30.70 -7.92
N LYS C 37 -21.29 -29.84 -8.79
CA LYS C 37 -20.37 -30.34 -9.82
C LYS C 37 -19.11 -30.97 -9.21
N GLN C 38 -18.54 -30.34 -8.20
CA GLN C 38 -17.39 -30.98 -7.53
C GLN C 38 -17.73 -32.34 -6.89
N ILE C 39 -18.89 -32.39 -6.21
CA ILE C 39 -19.37 -33.65 -5.63
C ILE C 39 -19.53 -34.69 -6.73
N ASN C 40 -20.20 -34.32 -7.81
CA ASN C 40 -20.40 -35.22 -8.94
C ASN C 40 -19.09 -35.78 -9.48
N TYR C 41 -18.08 -34.93 -9.60
CA TYR C 41 -16.76 -35.42 -9.98
C TYR C 41 -16.35 -36.53 -9.04
N GLY C 42 -16.61 -36.34 -7.75
CA GLY C 42 -16.31 -37.43 -6.81
C GLY C 42 -17.14 -38.71 -7.00
N LYS C 43 -18.43 -38.55 -7.20
CA LYS C 43 -19.32 -39.70 -7.23
C LYS C 43 -19.32 -40.42 -8.58
N ASN C 44 -18.74 -39.81 -9.60
CA ASN C 44 -18.63 -40.47 -10.90
C ASN C 44 -17.40 -41.36 -11.02
N THR C 45 -16.97 -41.93 -9.89
CA THR C 45 -15.78 -42.76 -9.84
C THR C 45 -16.21 -44.20 -9.65
N ILE C 46 -15.34 -45.13 -10.05
CA ILE C 46 -15.51 -46.54 -9.76
C ILE C 46 -15.45 -46.76 -8.24
N ALA C 47 -14.54 -46.05 -7.57
CA ALA C 47 -14.38 -46.15 -6.12
C ALA C 47 -15.66 -45.82 -5.37
N TYR C 48 -16.36 -44.75 -5.76
CA TYR C 48 -17.59 -44.39 -5.06
C TYR C 48 -18.66 -45.49 -5.19
N ASP C 49 -18.74 -46.10 -6.35
CA ASP C 49 -19.74 -47.14 -6.56
C ASP C 49 -19.39 -48.39 -5.74
N ARG C 50 -18.10 -48.72 -5.69
CA ARG C 50 -17.69 -49.84 -4.86
C ARG C 50 -17.94 -49.52 -3.37
N TYR C 51 -17.71 -48.27 -3.00
CA TYR C 51 -17.95 -47.80 -1.64
C TYR C 51 -19.42 -47.94 -1.25
N ILE C 52 -20.31 -47.61 -2.17
CA ILE C 52 -21.73 -47.54 -1.87
C ILE C 52 -22.36 -48.92 -1.92
N LYS C 53 -21.92 -49.77 -2.85
CA LYS C 53 -22.37 -51.15 -2.82
C LYS C 53 -21.89 -51.82 -1.53
N GLU C 54 -20.60 -51.71 -1.22
CA GLU C 54 -20.07 -52.39 -0.05
C GLU C 54 -20.61 -51.83 1.27
N VAL C 55 -20.61 -50.51 1.44
CA VAL C 55 -20.99 -49.90 2.71
C VAL C 55 -22.30 -49.11 2.60
N PRO C 56 -23.41 -49.71 3.08
CA PRO C 56 -24.73 -49.06 3.06
C PRO C 56 -24.72 -47.79 3.89
N ARG C 57 -25.49 -46.78 3.52
CA ARG C 57 -25.46 -45.49 4.22
C ARG C 57 -25.67 -45.65 5.71
N HIS C 58 -26.79 -46.28 6.08
CA HIS C 58 -27.18 -46.45 7.49
C HIS C 58 -26.05 -47.04 8.32
N LEU C 59 -25.28 -47.91 7.68
CA LEU C 59 -24.26 -48.70 8.35
C LEU C 59 -22.92 -47.97 8.35
N ARG C 60 -22.90 -46.74 7.83
CA ARG C 60 -21.64 -46.02 7.73
C ARG C 60 -21.03 -45.81 9.10
N GLN C 61 -19.72 -45.72 9.13
CA GLN C 61 -18.97 -45.77 10.37
C GLN C 61 -18.07 -44.54 10.43
N PRO C 62 -18.51 -43.51 11.15
CA PRO C 62 -17.84 -42.22 11.26
C PRO C 62 -16.34 -42.37 11.50
N GLY C 63 -15.54 -41.54 10.83
CA GLY C 63 -14.10 -41.59 10.99
C GLY C 63 -13.39 -42.62 10.12
N ILE C 64 -14.14 -43.54 9.54
CA ILE C 64 -13.55 -44.56 8.69
C ILE C 64 -14.30 -44.60 7.34
N HIS C 65 -15.58 -44.23 7.37
CA HIS C 65 -16.39 -44.15 6.17
C HIS C 65 -16.66 -42.70 5.86
N PRO C 66 -16.07 -42.19 4.77
CA PRO C 66 -16.09 -40.75 4.45
C PRO C 66 -17.48 -40.28 4.04
N LYS C 67 -17.80 -39.04 4.39
CA LYS C 67 -19.13 -38.52 4.13
C LYS C 67 -19.03 -37.32 3.19
N PRO C 69 -19.37 -33.88 1.56
CA PRO C 69 -19.54 -32.51 2.06
C PRO C 69 -20.94 -31.98 1.78
N ASN C 70 -21.46 -31.18 2.69
CA ASN C 70 -22.82 -30.69 2.60
C ASN C 70 -22.89 -29.35 1.92
N LYS C 71 -23.37 -29.32 0.69
CA LYS C 71 -23.28 -28.12 -0.14
C LYS C 71 -24.11 -26.94 0.35
N PHE C 72 -25.05 -27.18 1.27
CA PHE C 72 -25.91 -26.11 1.79
C PHE C 72 -25.31 -25.35 2.96
N LYS C 73 -24.22 -25.88 3.50
CA LYS C 73 -23.56 -25.23 4.63
C LYS C 73 -22.83 -23.96 4.21
N LYS C 74 -22.75 -22.99 5.11
CA LYS C 74 -21.92 -21.83 4.87
C LYS C 74 -20.46 -22.21 5.11
N TYR C 75 -19.61 -21.99 4.11
CA TYR C 75 -18.18 -22.33 4.22
C TYR C 75 -17.38 -21.38 3.35
N SER C 76 -16.15 -21.09 3.77
CA SER C 76 -15.22 -20.33 2.92
C SER C 76 -14.82 -21.15 1.71
N ARG C 77 -14.36 -20.47 0.66
CA ARG C 77 -13.89 -21.17 -0.54
C ARG C 77 -12.81 -22.18 -0.17
N ARG C 78 -11.84 -21.76 0.64
CA ARG C 78 -10.78 -22.65 1.08
C ARG C 78 -11.29 -23.88 1.87
N SER C 79 -12.15 -23.65 2.83
CA SER C 79 -12.67 -24.76 3.63
C SER C 79 -13.38 -25.80 2.76
N TRP C 80 -14.26 -25.33 1.88
CA TRP C 80 -15.00 -26.24 1.03
C TRP C 80 -14.09 -27.02 0.09
N ASP C 81 -13.17 -26.32 -0.59
CA ASP C 81 -12.30 -26.99 -1.55
C ASP C 81 -11.42 -28.02 -0.86
N GLN C 82 -10.97 -27.70 0.34
CA GLN C 82 -10.19 -28.65 1.11
C GLN C 82 -11.01 -29.88 1.54
N GLN C 83 -12.26 -29.66 1.97
CA GLN C 83 -13.12 -30.76 2.36
C GLN C 83 -13.34 -31.71 1.19
N ILE C 84 -13.47 -31.13 -0.01
CA ILE C 84 -13.61 -31.94 -1.21
C ILE C 84 -12.33 -32.73 -1.47
N LYS C 85 -11.18 -32.08 -1.36
CA LYS C 85 -9.91 -32.76 -1.63
C LYS C 85 -9.73 -33.98 -0.71
N LEU C 86 -9.95 -33.76 0.59
CA LEU C 86 -9.87 -34.85 1.57
C LEU C 86 -10.87 -35.99 1.28
N TRP C 87 -12.12 -35.62 1.04
CA TRP C 87 -13.17 -36.57 0.67
C TRP C 87 -12.76 -37.46 -0.51
N LYS C 88 -12.35 -36.81 -1.60
CA LYS C 88 -12.01 -37.50 -2.82
C LYS C 88 -10.81 -38.43 -2.65
N VAL C 89 -9.79 -37.97 -1.94
CA VAL C 89 -8.69 -38.88 -1.61
C VAL C 89 -9.21 -40.11 -0.84
N ALA C 90 -10.04 -39.86 0.17
CA ALA C 90 -10.59 -40.92 1.03
C ALA C 90 -11.36 -42.00 0.27
N LEU C 91 -12.10 -41.60 -0.76
CA LEU C 91 -12.89 -42.58 -1.52
C LEU C 91 -12.10 -43.71 -2.20
N HIS C 92 -10.82 -43.47 -2.51
CA HIS C 92 -10.04 -44.43 -3.27
C HIS C 92 -9.56 -45.62 -2.46
N PHE C 93 -9.95 -45.64 -1.18
CA PHE C 93 -9.84 -46.85 -0.37
C PHE C 93 -10.62 -48.01 -1.02
N TRP C 94 -11.67 -47.67 -1.78
CA TRP C 94 -12.53 -48.68 -2.39
C TRP C 94 -12.45 -48.81 -3.91
N ASP C 95 -11.27 -48.88 -4.50
CA ASP C 95 -11.22 -49.20 -5.93
C ASP C 95 -10.58 -50.58 -6.15
N PRO C 96 -10.52 -51.09 -7.41
CA PRO C 96 -9.93 -52.43 -7.59
C PRO C 96 -8.44 -52.46 -7.33
N PHE E 7 -15.01 11.72 38.93
CA PHE E 7 -16.46 11.56 39.05
C PHE E 7 -16.81 11.16 40.47
N SER E 8 -17.40 9.97 40.61
CA SER E 8 -17.81 9.44 41.92
C SER E 8 -18.74 10.37 42.72
N ASP E 9 -19.46 11.24 42.03
CA ASP E 9 -20.48 12.11 42.65
C ASP E 9 -21.92 11.76 42.22
N PRO E 10 -22.92 11.96 43.11
CA PRO E 10 -24.30 11.64 42.72
C PRO E 10 -24.86 12.44 41.54
N VAL E 11 -24.35 13.65 41.32
CA VAL E 11 -24.75 14.44 40.17
C VAL E 11 -24.40 13.70 38.88
N TYR E 12 -23.32 12.93 38.90
CA TYR E 12 -22.93 12.13 37.74
C TYR E 12 -23.88 10.97 37.47
N LYS E 13 -24.47 10.41 38.53
CA LYS E 13 -25.50 9.40 38.37
C LYS E 13 -26.79 10.06 37.82
N GLU E 14 -27.11 11.25 38.30
CA GLU E 14 -28.23 12.05 37.77
C GLU E 14 -28.05 12.30 36.28
N ILE E 15 -26.80 12.57 35.91
CA ILE E 15 -26.42 12.84 34.54
C ILE E 15 -26.60 11.58 33.72
N ALA E 16 -26.20 10.45 34.28
CA ALA E 16 -26.40 9.13 33.65
C ALA E 16 -27.88 8.85 33.35
N ILE E 17 -28.73 9.12 34.34
CA ILE E 17 -30.17 8.93 34.15
C ILE E 17 -30.68 9.85 33.04
N THR E 18 -30.29 11.12 33.09
CA THR E 18 -30.69 12.07 32.05
C THR E 18 -30.28 11.60 30.65
N ASN E 19 -29.05 11.12 30.52
CA ASN E 19 -28.58 10.55 29.26
C ASN E 19 -29.44 9.36 28.83
N GLY E 20 -29.76 8.50 29.79
CA GLY E 20 -30.63 7.36 29.51
C GLY E 20 -31.96 7.82 28.94
N CYS E 21 -32.52 8.87 29.52
CA CYS E 21 -33.76 9.43 29.01
C CYS E 21 -33.62 9.97 27.60
N ILE E 22 -32.54 10.70 27.34
CA ILE E 22 -32.36 11.30 26.02
C ILE E 22 -32.17 10.20 24.97
N ASN E 23 -31.49 9.13 25.33
CA ASN E 23 -31.31 8.01 24.42
C ASN E 23 -32.63 7.36 23.99
N ARG E 24 -33.70 7.59 24.73
CA ARG E 24 -34.97 6.97 24.33
C ARG E 24 -35.95 7.95 23.72
N MET E 25 -35.51 9.17 23.46
CA MET E 25 -36.35 10.15 22.79
C MET E 25 -36.34 9.93 21.28
N SER E 26 -37.43 10.26 20.61
CA SER E 26 -37.45 10.22 19.15
C SER E 26 -36.82 11.51 18.57
N LYS E 27 -36.55 11.51 17.26
CA LYS E 27 -35.97 12.68 16.59
C LYS E 27 -36.81 13.92 16.80
N GLU E 28 -38.13 13.77 16.70
CA GLU E 28 -39.06 14.89 16.82
C GLU E 28 -39.08 15.48 18.24
N GLU E 29 -38.98 14.64 19.25
CA GLU E 29 -38.91 15.18 20.59
C GLU E 29 -37.53 15.78 20.86
N LEU E 30 -36.48 15.19 20.32
CA LEU E 30 -35.13 15.78 20.39
C LEU E 30 -35.14 17.22 19.81
N ARG E 31 -35.66 17.39 18.60
CA ARG E 31 -35.75 18.70 18.00
C ARG E 31 -36.65 19.66 18.79
N ALA E 32 -37.72 19.14 19.39
CA ALA E 32 -38.61 19.97 20.23
C ALA E 32 -37.90 20.50 21.45
N LYS E 33 -37.20 19.63 22.16
CA LYS E 33 -36.46 20.09 23.31
C LYS E 33 -35.35 21.05 22.91
N LEU E 34 -34.64 20.75 21.81
CA LEU E 34 -33.55 21.65 21.39
C LEU E 34 -34.10 23.02 21.09
N SER E 35 -35.20 23.06 20.35
CA SER E 35 -35.85 24.31 20.03
C SER E 35 -36.27 25.04 21.30
N GLU E 36 -36.80 24.30 22.26
CA GLU E 36 -37.24 24.86 23.53
C GLU E 36 -36.09 25.56 24.25
N PHE E 37 -34.88 25.04 24.08
CA PHE E 37 -33.72 25.65 24.73
C PHE E 37 -33.01 26.59 23.77
N LYS E 38 -33.65 26.86 22.64
CA LYS E 38 -33.13 27.78 21.63
C LYS E 38 -31.76 27.34 21.10
N LEU E 39 -31.68 26.05 20.78
CA LEU E 39 -30.48 25.46 20.21
C LEU E 39 -30.77 25.05 18.77
N GLU E 40 -29.71 24.94 17.97
CA GLU E 40 -29.80 24.48 16.59
C GLU E 40 -30.45 23.09 16.52
N THR E 41 -31.43 22.92 15.64
CA THR E 41 -32.14 21.63 15.59
C THR E 41 -31.77 20.75 14.38
N ARG E 42 -30.90 21.25 13.52
CA ARG E 42 -30.45 20.48 12.35
C ARG E 42 -29.46 19.38 12.72
N GLY E 43 -29.44 18.29 11.95
CA GLY E 43 -28.52 17.20 12.19
C GLY E 43 -29.20 15.86 12.31
N VAL E 44 -28.46 14.76 12.11
CA VAL E 44 -29.01 13.43 12.26
C VAL E 44 -29.18 13.17 13.75
N LYS E 45 -29.85 12.08 14.07
CA LYS E 45 -30.25 11.78 15.45
C LYS E 45 -29.10 11.82 16.47
N ASP E 46 -27.96 11.23 16.15
CA ASP E 46 -26.84 11.17 17.10
C ASP E 46 -26.24 12.55 17.43
N VAL E 47 -26.32 13.45 16.45
CA VAL E 47 -25.93 14.85 16.64
C VAL E 47 -26.91 15.55 17.58
N LEU E 48 -28.20 15.36 17.33
CA LEU E 48 -29.23 15.92 18.20
C LEU E 48 -29.05 15.44 19.64
N LYS E 49 -28.92 14.13 19.80
CA LYS E 49 -28.68 13.51 21.10
C LYS E 49 -27.48 14.13 21.81
N LYS E 50 -26.34 14.19 21.14
CA LYS E 50 -25.15 14.75 21.78
C LYS E 50 -25.32 16.23 22.16
N ARG E 51 -25.94 17.00 21.29
CA ARG E 51 -26.17 18.41 21.55
C ARG E 51 -27.04 18.58 22.82
N LEU E 52 -28.13 17.82 22.88
CA LEU E 52 -29.06 17.93 24.01
C LEU E 52 -28.39 17.47 25.30
N LYS E 53 -27.63 16.39 25.21
CA LYS E 53 -26.92 15.89 26.39
C LYS E 53 -25.91 16.89 26.91
N ASN E 54 -25.25 17.61 26.00
CA ASN E 54 -24.27 18.62 26.41
C ASN E 54 -24.97 19.75 27.14
N TYR E 55 -26.15 20.11 26.65
CA TYR E 55 -26.93 21.15 27.32
C TYR E 55 -27.30 20.77 28.76
N TYR E 56 -27.85 19.57 28.92
CA TYR E 56 -28.25 19.13 30.26
C TYR E 56 -27.04 18.99 31.18
N LYS E 57 -25.95 18.41 30.67
CA LYS E 57 -24.73 18.26 31.45
C LYS E 57 -24.20 19.61 31.92
N LYS E 58 -24.14 20.57 31.00
CA LYS E 58 -23.67 21.91 31.32
C LYS E 58 -24.54 22.55 32.40
N GLN E 59 -25.87 22.43 32.29
CA GLN E 59 -26.75 23.00 33.33
C GLN E 59 -26.57 22.34 34.70
N LYS E 60 -26.48 21.01 34.73
CA LYS E 60 -26.46 20.32 36.01
C LYS E 60 -25.19 20.60 36.86
N LEU E 61 -24.02 20.67 36.22
CA LEU E 61 -22.80 20.93 36.98
C LEU E 61 -22.21 22.34 36.86
N MET E 62 -22.89 23.21 36.12
CA MET E 62 -22.60 24.66 36.02
C MET E 62 -21.18 25.11 36.38
N SER E 71 -10.65 25.10 23.38
CA SER E 71 -11.07 26.12 24.33
C SER E 71 -9.84 26.49 25.15
N TYR E 72 -8.87 25.59 25.14
CA TYR E 72 -7.55 25.85 25.68
C TYR E 72 -6.80 26.73 24.69
N TYR E 73 -6.95 26.40 23.42
CA TYR E 73 -6.38 27.17 22.36
C TYR E 73 -7.18 28.46 22.18
N ASP E 74 -6.45 29.57 22.02
CA ASP E 74 -7.05 30.84 21.63
C ASP E 74 -7.36 30.85 20.14
N TYR E 75 -6.53 30.17 19.36
CA TYR E 75 -6.67 30.10 17.92
C TYR E 75 -6.45 28.69 17.37
N ILE E 76 -7.16 28.41 16.29
CA ILE E 76 -6.91 27.19 15.53
C ILE E 76 -6.64 27.54 14.06
N CYS E 77 -5.51 27.08 13.54
CA CYS E 77 -5.14 27.25 12.12
C CYS E 77 -5.62 26.08 11.30
N ILE E 78 -6.61 26.30 10.46
CA ILE E 78 -7.15 25.28 9.59
C ILE E 78 -6.36 25.27 8.30
N ILE E 79 -5.75 24.12 7.97
CA ILE E 79 -4.98 23.99 6.73
C ILE E 79 -5.46 22.83 5.85
N ASP E 80 -5.78 23.14 4.58
CA ASP E 80 -6.18 22.14 3.59
C ASP E 80 -5.41 22.28 2.26
N PHE E 81 -4.27 21.59 2.13
CA PHE E 81 -3.47 21.66 0.90
C PHE E 81 -4.19 21.15 -0.33
N GLU E 82 -3.88 21.74 -1.46
CA GLU E 82 -4.21 21.16 -2.76
C GLU E 82 -2.87 20.78 -3.42
N ALA E 83 -2.88 19.72 -4.22
CA ALA E 83 -1.66 19.20 -4.77
C ALA E 83 -1.82 18.77 -6.23
N THR E 84 -0.69 18.69 -6.94
CA THR E 84 -0.68 18.08 -8.26
C THR E 84 -1.23 16.65 -8.16
N CYS E 85 -1.90 16.20 -9.21
CA CYS E 85 -2.50 14.88 -9.20
C CYS E 85 -2.73 14.37 -10.63
N GLU E 86 -3.12 13.11 -10.74
CA GLU E 86 -3.45 12.54 -12.04
C GLU E 86 -4.72 11.69 -12.03
N GLU E 87 -5.32 11.57 -13.22
CA GLU E 87 -6.63 10.94 -13.50
C GLU E 87 -7.03 9.63 -12.85
N GLY E 88 -6.09 8.79 -12.45
CA GLY E 88 -6.49 7.56 -11.80
C GLY E 88 -6.09 7.41 -10.36
N ASN E 89 -5.47 8.46 -9.82
CA ASN E 89 -4.97 8.46 -8.45
C ASN E 89 -3.93 7.36 -8.23
N PRO E 90 -2.84 7.36 -9.04
CA PRO E 90 -1.84 6.28 -8.93
C PRO E 90 -1.16 6.29 -7.57
N PRO E 91 -0.96 5.12 -7.00
CA PRO E 91 -0.43 5.04 -5.64
C PRO E 91 0.97 5.59 -5.52
N GLU E 92 1.77 5.50 -6.58
CA GLU E 92 3.16 5.93 -6.48
C GLU E 92 3.42 7.27 -7.16
N PHE E 93 2.45 8.16 -7.18
CA PHE E 93 2.62 9.45 -7.81
C PHE E 93 3.30 10.40 -6.82
N VAL E 94 4.24 11.21 -7.29
CA VAL E 94 4.87 12.21 -6.43
C VAL E 94 4.12 13.54 -6.43
N HIS E 95 3.39 13.80 -5.34
CA HIS E 95 2.55 14.99 -5.23
C HIS E 95 3.36 16.22 -4.86
N GLU E 96 3.04 17.35 -5.46
CA GLU E 96 3.61 18.63 -5.07
C GLU E 96 2.52 19.58 -4.65
N ILE E 97 2.72 20.27 -3.54
CA ILE E 97 1.74 21.26 -3.08
C ILE E 97 1.63 22.43 -4.07
N ILE E 98 0.41 22.76 -4.48
CA ILE E 98 0.17 23.89 -5.39
C ILE E 98 -0.74 24.99 -4.80
N GLU E 99 -1.37 24.75 -3.65
CA GLU E 99 -2.15 25.79 -2.95
C GLU E 99 -1.93 25.62 -1.47
N PHE E 100 -1.62 26.73 -0.81
CA PHE E 100 -1.34 26.78 0.61
C PHE E 100 -2.30 27.78 1.25
N PRO E 101 -3.42 27.28 1.78
CA PRO E 101 -4.39 28.12 2.49
C PRO E 101 -4.29 27.95 4.01
N VAL E 102 -4.56 29.02 4.74
CA VAL E 102 -4.69 28.95 6.19
C VAL E 102 -5.88 29.77 6.61
N VAL E 103 -6.79 29.15 7.36
CA VAL E 103 -7.91 29.88 7.93
C VAL E 103 -7.69 29.97 9.43
N LEU E 104 -7.63 31.19 9.95
CA LEU E 104 -7.45 31.42 11.37
C LEU E 104 -8.81 31.52 12.06
N LEU E 105 -9.06 30.58 12.97
CA LEU E 105 -10.31 30.52 13.68
C LEU E 105 -10.09 30.95 15.13
N ASN E 106 -10.75 32.04 15.52
CA ASN E 106 -10.80 32.51 16.92
C ASN E 106 -11.78 31.69 17.78
N THR E 107 -11.28 30.98 18.79
CA THR E 107 -12.14 30.09 19.57
C THR E 107 -13.01 30.80 20.62
N HIS E 108 -12.73 32.07 20.90
CA HIS E 108 -13.58 32.84 21.81
C HIS E 108 -14.77 33.43 21.06
N THR E 109 -14.51 34.11 19.95
CA THR E 109 -15.63 34.64 19.17
C THR E 109 -16.25 33.57 18.25
N LEU E 110 -15.59 32.41 18.14
CA LEU E 110 -16.02 31.34 17.23
C LEU E 110 -16.20 31.89 15.82
N GLU E 111 -15.27 32.74 15.43
CA GLU E 111 -15.30 33.34 14.11
C GLU E 111 -13.96 33.20 13.40
N ILE E 112 -14.02 33.23 12.07
CA ILE E 112 -12.84 33.30 11.22
C ILE E 112 -12.26 34.70 11.34
N GLU E 113 -11.07 34.81 11.91
CA GLU E 113 -10.47 36.12 12.16
C GLU E 113 -9.65 36.66 10.97
N ASP E 114 -9.04 35.76 10.21
CA ASP E 114 -8.24 36.14 9.03
C ASP E 114 -7.90 34.91 8.18
N THR E 115 -7.63 35.11 6.90
CA THR E 115 -7.19 34.00 6.04
C THR E 115 -5.92 34.35 5.30
N PHE E 116 -5.24 33.30 4.84
CA PHE E 116 -4.03 33.38 4.07
C PHE E 116 -4.18 32.45 2.88
N GLN E 117 -3.74 32.85 1.70
CA GLN E 117 -3.82 31.98 0.55
C GLN E 117 -2.72 32.30 -0.46
N GLN E 118 -1.86 31.31 -0.74
CA GLN E 118 -0.86 31.47 -1.80
C GLN E 118 -0.78 30.26 -2.70
N TYR E 119 -0.68 30.47 -3.99
CA TYR E 119 -0.41 29.32 -4.84
C TYR E 119 1.07 28.99 -4.75
N VAL E 120 1.42 27.75 -5.06
CA VAL E 120 2.80 27.29 -4.95
C VAL E 120 3.20 26.71 -6.29
N ARG E 121 4.38 27.08 -6.77
CA ARG E 121 4.86 26.66 -8.07
C ARG E 121 5.64 25.36 -7.94
N PRO E 122 5.09 24.28 -8.47
CA PRO E 122 5.77 22.98 -8.41
C PRO E 122 7.04 22.99 -9.26
N GLU E 123 8.08 22.28 -8.84
CA GLU E 123 9.35 22.27 -9.56
C GLU E 123 9.59 21.04 -10.47
N ILE E 124 9.03 19.90 -10.10
CA ILE E 124 9.24 18.70 -10.86
C ILE E 124 8.24 18.59 -12.00
N ASN E 125 6.97 18.34 -11.68
CA ASN E 125 5.93 18.47 -12.70
C ASN E 125 5.43 19.91 -12.76
N THR E 126 6.07 20.73 -13.60
CA THR E 126 5.69 22.13 -13.70
C THR E 126 4.34 22.33 -14.38
N GLN E 127 3.87 21.33 -15.13
CA GLN E 127 2.63 21.48 -15.87
C GLN E 127 1.51 20.64 -15.25
N LEU E 128 0.45 21.31 -14.79
CA LEU E 128 -0.69 20.62 -14.19
C LEU E 128 -1.44 19.80 -15.26
N SER E 129 -1.78 18.56 -14.91
CA SER E 129 -2.61 17.73 -15.78
C SER E 129 -4.00 18.36 -15.90
N ASP E 130 -4.79 17.91 -16.86
CA ASP E 130 -6.16 18.43 -16.97
C ASP E 130 -7.03 18.02 -15.81
N PHE E 131 -6.83 16.79 -15.35
CA PHE E 131 -7.59 16.28 -14.22
C PHE E 131 -7.35 17.14 -12.99
N CYS E 132 -6.10 17.50 -12.79
CA CYS E 132 -5.70 18.37 -11.70
C CYS E 132 -6.36 19.75 -11.82
N ILE E 133 -6.30 20.35 -13.01
CA ILE E 133 -6.86 21.68 -13.22
C ILE E 133 -8.37 21.70 -12.99
N SER E 134 -9.04 20.65 -13.46
CA SER E 134 -10.49 20.56 -13.34
C SER E 134 -10.93 20.26 -11.91
N LEU E 135 -10.15 19.45 -11.21
CA LEU E 135 -10.44 19.08 -9.82
C LEU E 135 -10.24 20.24 -8.85
N THR E 136 -9.09 20.89 -8.91
CA THR E 136 -8.73 21.93 -7.95
C THR E 136 -9.20 23.33 -8.33
N GLY E 137 -9.46 23.55 -9.62
CA GLY E 137 -9.86 24.86 -10.10
C GLY E 137 -8.71 25.83 -10.32
N ILE E 138 -7.51 25.36 -9.97
CA ILE E 138 -6.28 26.13 -10.14
C ILE E 138 -5.75 26.09 -11.58
N THR E 139 -5.43 27.25 -12.14
CA THR E 139 -5.00 27.31 -13.53
C THR E 139 -3.47 27.30 -13.67
N GLN E 140 -2.99 26.84 -14.82
CA GLN E 140 -1.55 26.76 -15.07
C GLN E 140 -0.90 28.13 -14.89
N ASP E 141 -1.60 29.17 -15.33
CA ASP E 141 -1.10 30.52 -15.19
C ASP E 141 -0.90 30.88 -13.73
N GLN E 142 -1.81 30.42 -12.90
CA GLN E 142 -1.77 30.76 -11.47
C GLN E 142 -0.52 30.22 -10.79
N VAL E 143 -0.11 29.01 -11.18
CA VAL E 143 1.08 28.41 -10.57
C VAL E 143 2.37 28.86 -11.27
N ASP E 144 2.29 29.26 -12.53
CA ASP E 144 3.47 29.74 -13.26
C ASP E 144 4.01 31.03 -12.62
N ARG E 145 3.14 31.87 -12.08
CA ARG E 145 3.62 33.11 -11.49
C ARG E 145 3.72 33.03 -9.97
N ALA E 146 3.55 31.84 -9.41
CA ALA E 146 3.70 31.64 -7.97
C ALA E 146 5.16 31.49 -7.56
N ASP E 147 5.44 31.62 -6.26
CA ASP E 147 6.75 31.26 -5.73
C ASP E 147 6.86 29.75 -5.50
N THR E 148 8.07 29.27 -5.23
CA THR E 148 8.28 27.86 -4.91
C THR E 148 7.95 27.64 -3.45
N PHE E 149 8.02 26.39 -3.02
CA PHE E 149 7.52 26.05 -1.69
C PHE E 149 8.27 26.71 -0.52
N PRO E 150 9.61 26.76 -0.56
CA PRO E 150 10.26 27.37 0.60
C PRO E 150 9.88 28.86 0.85
N GLN E 151 9.79 29.65 -0.22
CA GLN E 151 9.37 31.03 -0.10
C GLN E 151 7.96 31.15 0.45
N VAL E 152 7.02 30.36 -0.09
CA VAL E 152 5.64 30.45 0.40
C VAL E 152 5.54 29.99 1.84
N LEU E 153 6.23 28.92 2.21
CA LEU E 153 6.24 28.50 3.60
C LEU E 153 6.73 29.65 4.49
N LYS E 154 7.79 30.30 4.03
CA LYS E 154 8.30 31.52 4.67
C LYS E 154 7.23 32.59 4.88
N LYS E 155 6.48 32.91 3.83
CA LYS E 155 5.43 33.91 3.94
C LYS E 155 4.35 33.47 4.94
N VAL E 156 4.03 32.17 4.95
CA VAL E 156 3.06 31.61 5.87
C VAL E 156 3.51 31.86 7.30
N ILE E 157 4.77 31.54 7.58
CA ILE E 157 5.29 31.68 8.94
C ILE E 157 5.37 33.16 9.37
N ASP E 158 5.74 34.05 8.45
CA ASP E 158 5.69 35.48 8.81
C ASP E 158 4.25 35.89 9.15
N TRP E 159 3.29 35.37 8.39
CA TRP E 159 1.90 35.70 8.66
C TRP E 159 1.44 35.17 10.04
N MET E 160 1.85 33.96 10.38
CA MET E 160 1.55 33.41 11.68
C MET E 160 2.19 34.21 12.83
N LYS E 161 3.40 34.72 12.59
CA LYS E 161 4.10 35.53 13.59
C LYS E 161 3.41 36.87 13.81
N LEU E 162 2.94 37.46 12.73
CA LEU E 162 2.12 38.67 12.80
C LEU E 162 0.82 38.47 13.63
N LYS E 163 0.27 37.26 13.63
CA LYS E 163 -0.92 36.98 14.43
C LYS E 163 -0.54 36.56 15.86
N GLU E 164 0.76 36.55 16.14
CA GLU E 164 1.30 36.25 17.47
C GLU E 164 0.93 34.84 17.96
N LEU E 165 0.96 33.86 17.06
CA LEU E 165 0.69 32.47 17.41
C LEU E 165 1.87 31.80 18.11
N GLY E 166 1.63 31.24 19.29
CA GLY E 166 2.67 30.56 20.02
C GLY E 166 3.42 31.45 21.01
N THR E 167 3.24 32.77 20.89
CA THR E 167 3.85 33.69 21.83
C THR E 167 2.77 34.33 22.71
N LYS E 168 2.00 35.25 22.15
CA LYS E 168 0.88 35.82 22.88
C LYS E 168 -0.29 34.84 22.96
N TYR E 169 -0.54 34.10 21.87
CA TYR E 169 -1.70 33.24 21.81
C TYR E 169 -1.40 31.76 21.76
N LYS E 170 -2.16 30.97 22.50
CA LYS E 170 -2.13 29.52 22.40
C LYS E 170 -2.83 29.09 21.12
N TYR E 171 -2.23 28.18 20.36
CA TYR E 171 -2.85 27.79 19.11
C TYR E 171 -2.60 26.33 18.75
N SER E 172 -3.35 25.85 17.76
CA SER E 172 -3.09 24.51 17.22
C SER E 172 -3.37 24.46 15.74
N LEU E 173 -2.75 23.52 15.04
CA LEU E 173 -3.13 23.29 13.65
C LEU E 173 -4.25 22.25 13.59
N LEU E 174 -5.10 22.39 12.59
CA LEU E 174 -6.19 21.45 12.40
C LEU E 174 -6.34 21.11 10.92
N THR E 175 -6.51 19.82 10.64
CA THR E 175 -6.70 19.31 9.30
C THR E 175 -7.87 18.35 9.15
N ASP E 176 -8.42 18.26 7.93
CA ASP E 176 -9.44 17.28 7.60
C ASP E 176 -8.78 15.97 7.20
N GLY E 177 -8.32 15.23 8.18
CA GLY E 177 -7.65 13.99 7.93
C GLY E 177 -6.24 14.02 8.45
N SER E 178 -5.40 13.12 7.97
CA SER E 178 -4.06 13.04 8.49
C SER E 178 -3.00 13.11 7.39
N TRP E 179 -3.42 13.25 6.13
CA TRP E 179 -2.50 13.22 5.01
C TRP E 179 -1.93 14.59 4.68
N ASP E 180 -2.66 15.65 5.02
CA ASP E 180 -2.16 17.02 4.81
C ASP E 180 -0.77 17.18 5.40
N MET E 181 -0.58 16.70 6.63
CA MET E 181 0.73 16.83 7.25
C MET E 181 1.63 15.61 7.02
N SER E 182 1.10 14.41 7.23
CA SER E 182 1.92 13.20 7.17
C SER E 182 2.26 12.75 5.75
N LYS E 183 1.54 13.26 4.76
CA LYS E 183 1.84 12.87 3.40
C LYS E 183 2.30 14.07 2.57
N PHE E 184 1.41 15.02 2.32
CA PHE E 184 1.70 16.09 1.38
C PHE E 184 2.80 17.04 1.87
N LEU E 185 2.68 17.55 3.10
CA LEU E 185 3.72 18.41 3.66
C LEU E 185 5.02 17.64 3.88
N ASN E 186 4.89 16.42 4.38
CA ASN E 186 6.02 15.52 4.57
C ASN E 186 6.91 15.36 3.30
N ILE E 187 6.26 14.89 2.25
CA ILE E 187 6.88 14.67 0.96
C ILE E 187 7.43 16.00 0.43
N GLN E 188 6.61 17.05 0.43
CA GLN E 188 7.01 18.35 -0.09
C GLN E 188 8.28 18.88 0.57
N CYS E 189 8.40 18.70 1.88
CA CYS E 189 9.63 19.09 2.56
C CYS E 189 10.80 18.25 2.08
N GLN E 190 10.60 16.94 1.93
CA GLN E 190 11.67 16.12 1.35
C GLN E 190 12.10 16.63 -0.03
N LEU E 191 11.15 16.92 -0.90
CA LEU E 191 11.45 17.43 -2.23
C LEU E 191 12.18 18.78 -2.22
N SER E 192 11.90 19.62 -1.23
CA SER E 192 12.51 20.94 -1.15
C SER E 192 13.78 20.94 -0.31
N ARG E 193 14.16 19.76 0.19
CA ARG E 193 15.31 19.58 1.08
C ARG E 193 15.18 20.28 2.42
N LEU E 194 13.96 20.58 2.86
CA LEU E 194 13.76 21.22 4.16
C LEU E 194 13.60 20.21 5.28
N LYS E 195 14.07 20.55 6.47
CA LYS E 195 13.69 19.78 7.65
C LYS E 195 12.20 20.00 7.88
N TYR E 196 11.49 18.97 8.33
CA TYR E 196 10.07 19.11 8.61
C TYR E 196 9.89 20.09 9.77
N PRO E 197 9.00 21.08 9.62
CA PRO E 197 8.89 22.15 10.62
C PRO E 197 8.25 21.63 11.90
N PRO E 198 8.94 21.80 13.04
CA PRO E 198 8.52 21.36 14.38
C PRO E 198 7.15 21.87 14.81
N PHE E 199 6.78 23.07 14.40
CA PHE E 199 5.47 23.57 14.76
C PHE E 199 4.35 22.80 14.08
N ALA E 200 4.69 21.95 13.13
CA ALA E 200 3.68 21.22 12.36
C ALA E 200 3.71 19.74 12.68
N LYS E 201 4.48 19.37 13.69
CA LYS E 201 4.61 17.95 14.03
C LYS E 201 3.41 17.36 14.77
N LYS E 202 2.52 18.21 15.32
CA LYS E 202 1.31 17.75 15.99
C LYS E 202 0.09 18.55 15.55
N TRP E 203 -1.06 17.91 15.41
CA TRP E 203 -2.23 18.63 14.94
C TRP E 203 -3.53 17.95 15.35
N ILE E 204 -4.64 18.64 15.10
CA ILE E 204 -5.95 18.07 15.33
C ILE E 204 -6.52 17.47 14.06
N ASN E 205 -6.72 16.15 14.05
CA ASN E 205 -7.42 15.49 12.95
C ASN E 205 -8.92 15.56 13.28
N ILE E 206 -9.62 16.47 12.63
CA ILE E 206 -10.99 16.71 12.97
C ILE E 206 -11.89 15.55 12.58
N ARG E 207 -11.43 14.66 11.70
CA ARG E 207 -12.15 13.42 11.38
C ARG E 207 -12.26 12.50 12.60
N LYS E 208 -11.13 12.19 13.23
CA LYS E 208 -11.13 11.47 14.49
C LYS E 208 -11.99 12.15 15.56
N SER E 209 -11.87 13.47 15.67
CA SER E 209 -12.61 14.23 16.68
C SER E 209 -14.12 14.08 16.47
N TYR E 210 -14.54 14.37 15.25
CA TYR E 210 -15.93 14.25 14.84
C TYR E 210 -16.46 12.85 15.07
N GLY E 211 -15.68 11.87 14.66
CA GLY E 211 -16.05 10.48 14.77
C GLY E 211 -16.26 10.05 16.22
N ASN E 212 -15.32 10.42 17.09
CA ASN E 212 -15.45 10.08 18.49
C ASN E 212 -16.62 10.82 19.10
N PHE E 213 -16.87 12.02 18.60
CA PHE E 213 -17.80 12.89 19.29
C PHE E 213 -19.27 12.65 18.94
N TYR E 214 -19.59 12.60 17.65
CA TYR E 214 -20.98 12.44 17.25
C TYR E 214 -21.36 10.98 17.05
N LYS E 215 -20.35 10.11 17.06
CA LYS E 215 -20.58 8.69 16.83
C LYS E 215 -21.25 8.39 15.48
N VAL E 216 -20.90 9.16 14.47
CA VAL E 216 -21.45 9.00 13.10
C VAL E 216 -20.41 9.49 12.10
N PRO E 217 -20.03 8.62 11.14
CA PRO E 217 -18.92 8.83 10.20
C PRO E 217 -19.29 9.75 9.03
N GLN E 220 -17.11 6.53 6.50
CA GLN E 220 -15.84 6.94 5.89
C GLN E 220 -15.73 8.47 5.83
N THR E 221 -15.42 9.07 6.97
CA THR E 221 -15.54 10.51 7.15
C THR E 221 -14.81 11.33 6.08
N LYS E 222 -15.60 12.11 5.34
CA LYS E 222 -15.04 13.13 4.46
C LYS E 222 -15.82 14.43 4.70
N LEU E 223 -15.27 15.55 4.23
CA LEU E 223 -15.81 16.86 4.51
C LEU E 223 -17.28 17.02 4.16
N THR E 224 -17.65 16.50 2.99
CA THR E 224 -19.00 16.70 2.47
C THR E 224 -20.05 15.94 3.30
N ILE E 225 -19.64 14.81 3.88
CA ILE E 225 -20.50 13.98 4.71
C ILE E 225 -20.60 14.58 6.11
N MET E 226 -19.50 15.09 6.62
CA MET E 226 -19.50 15.78 7.89
C MET E 226 -20.48 16.94 7.84
N LEU E 227 -20.44 17.69 6.74
CA LEU E 227 -21.42 18.74 6.53
C LEU E 227 -22.82 18.19 6.48
N GLU E 228 -23.01 17.12 5.71
CA GLU E 228 -24.34 16.54 5.55
C GLU E 228 -24.97 16.09 6.88
N LYS E 229 -24.22 15.41 7.74
CA LYS E 229 -24.79 14.89 9.00
C LYS E 229 -25.11 16.00 9.99
N LEU E 230 -24.50 17.17 9.83
CA LEU E 230 -24.78 18.30 10.70
C LEU E 230 -25.89 19.14 10.09
N GLY E 231 -26.39 18.72 8.94
CA GLY E 231 -27.42 19.49 8.26
C GLY E 231 -26.94 20.78 7.62
N MET E 232 -25.64 20.86 7.31
CA MET E 232 -25.08 22.06 6.71
C MET E 232 -24.86 21.93 5.20
N ASP E 233 -24.99 23.04 4.49
CA ASP E 233 -24.71 23.12 3.06
C ASP E 233 -23.28 23.58 2.84
N TYR E 234 -22.64 23.07 1.79
CA TYR E 234 -21.29 23.54 1.47
C TYR E 234 -21.35 24.98 0.99
N ASP E 235 -20.43 25.81 1.47
CA ASP E 235 -20.37 27.21 1.04
C ASP E 235 -19.07 27.47 0.26
N GLY E 236 -19.18 27.72 -1.04
CA GLY E 236 -18.01 27.95 -1.87
C GLY E 236 -17.84 26.87 -2.94
N ARG E 237 -16.64 26.75 -3.49
CA ARG E 237 -16.37 25.70 -4.48
C ARG E 237 -15.59 24.54 -3.87
N PRO E 238 -16.14 23.33 -3.97
CA PRO E 238 -15.46 22.12 -3.47
C PRO E 238 -14.08 21.87 -4.13
N HIS E 239 -13.12 21.41 -3.32
CA HIS E 239 -11.74 21.11 -3.71
C HIS E 239 -10.92 22.35 -4.04
N CYS E 240 -11.51 23.53 -3.89
CA CYS E 240 -10.69 24.73 -3.73
C CYS E 240 -10.16 24.78 -2.29
N GLY E 241 -8.85 24.94 -2.13
CA GLY E 241 -8.23 24.91 -0.82
C GLY E 241 -8.80 25.90 0.20
N LEU E 242 -8.98 27.15 -0.21
CA LEU E 242 -9.44 28.13 0.75
C LEU E 242 -10.89 27.82 1.18
N ASP E 243 -11.77 27.55 0.22
CA ASP E 243 -13.16 27.20 0.53
C ASP E 243 -13.31 25.93 1.40
N ASP E 244 -12.54 24.91 1.07
CA ASP E 244 -12.52 23.70 1.89
C ASP E 244 -12.08 24.04 3.33
N SER E 245 -11.03 24.85 3.48
CA SER E 245 -10.58 25.27 4.80
C SER E 245 -11.66 26.03 5.58
N LYS E 246 -12.40 26.88 4.89
CA LYS E 246 -13.44 27.64 5.57
C LYS E 246 -14.55 26.73 6.03
N ASN E 247 -14.92 25.75 5.21
CA ASN E 247 -15.99 24.84 5.59
C ASN E 247 -15.57 23.93 6.74
N ILE E 248 -14.30 23.56 6.76
CA ILE E 248 -13.78 22.85 7.92
C ILE E 248 -13.89 23.73 9.16
N ALA E 249 -13.65 25.04 9.00
CA ALA E 249 -13.81 25.96 10.13
C ALA E 249 -15.27 25.96 10.63
N ARG E 250 -16.22 26.02 9.71
CA ARG E 250 -17.63 25.96 10.10
C ARG E 250 -17.94 24.69 10.91
N ILE E 251 -17.47 23.53 10.43
CA ILE E 251 -17.65 22.30 11.21
C ILE E 251 -17.02 22.40 12.61
N ALA E 252 -15.80 22.93 12.70
CA ALA E 252 -15.12 23.04 13.98
C ALA E 252 -15.89 23.98 14.92
N VAL E 253 -16.48 25.03 14.36
CA VAL E 253 -17.27 25.96 15.14
C VAL E 253 -18.47 25.26 15.75
N ARG E 254 -19.20 24.49 14.92
CA ARG E 254 -20.35 23.76 15.38
C ARG E 254 -19.96 22.75 16.47
N MET E 255 -18.83 22.08 16.30
CA MET E 255 -18.40 21.12 17.32
C MET E 255 -18.10 21.82 18.62
N LEU E 256 -17.45 22.99 18.55
CA LEU E 256 -17.11 23.68 19.78
C LEU E 256 -18.38 24.18 20.48
N GLN E 257 -19.34 24.69 19.70
CA GLN E 257 -20.65 25.10 20.24
C GLN E 257 -21.45 23.94 20.87
N ASP E 258 -21.25 22.71 20.38
CA ASP E 258 -21.92 21.54 20.97
C ASP E 258 -21.13 20.99 22.14
N GLY E 259 -20.05 21.67 22.52
CA GLY E 259 -19.29 21.26 23.69
C GLY E 259 -18.18 20.26 23.41
N CYS E 260 -17.81 20.08 22.15
CA CYS E 260 -16.65 19.23 21.86
C CYS E 260 -15.36 19.96 22.21
N GLU E 261 -14.46 19.28 22.89
CA GLU E 261 -13.13 19.84 23.17
C GLU E 261 -12.11 19.44 22.10
N LEU E 262 -11.95 20.29 21.08
CA LEU E 262 -10.97 20.03 20.03
C LEU E 262 -9.59 19.94 20.64
N ARG E 263 -8.93 18.81 20.41
CA ARG E 263 -7.72 18.51 21.14
C ARG E 263 -6.70 17.84 20.17
N ILE E 264 -5.44 18.15 20.35
CA ILE E 264 -4.40 17.55 19.52
C ILE E 264 -4.44 16.03 19.66
N ASN E 265 -4.58 15.32 18.55
CA ASN E 265 -4.74 13.85 18.60
C ASN E 265 -3.84 13.08 17.65
N GLU E 266 -3.01 13.77 16.89
CA GLU E 266 -2.03 13.12 15.99
C GLU E 266 -0.68 13.83 15.97
N LYS E 267 0.38 13.05 15.72
CA LYS E 267 1.71 13.62 15.53
C LYS E 267 2.55 12.83 14.52
N MET E 268 3.59 13.48 14.03
CA MET E 268 4.67 12.86 13.27
C MET E 268 5.83 12.49 14.18
N HIS E 269 6.29 11.25 14.09
CA HIS E 269 7.47 10.82 14.84
C HIS E 269 8.34 9.90 13.99
N ALA E 270 9.60 10.31 13.80
CA ALA E 270 10.56 9.57 12.95
C ALA E 270 10.04 9.44 11.52
N GLY E 271 9.39 10.50 11.05
CA GLY E 271 8.80 10.52 9.72
C GLY E 271 7.57 9.63 9.57
N GLN E 272 7.07 9.12 10.70
CA GLN E 272 5.86 8.28 10.71
C GLN E 272 4.67 8.90 11.43
N LEU E 273 3.48 8.67 10.89
CA LEU E 273 2.24 9.06 11.55
C LEU E 273 1.98 8.23 12.79
N MET E 274 1.70 8.89 13.91
CA MET E 274 1.33 8.24 15.15
C MET E 274 0.22 8.98 15.89
N SER E 275 -0.45 8.27 16.79
CA SER E 275 -1.55 8.84 17.55
C SER E 275 -1.03 9.53 18.81
N VAL E 276 -1.75 10.56 19.25
CA VAL E 276 -1.48 11.22 20.52
C VAL E 276 -2.57 10.87 21.53
N SER E 277 -2.14 10.33 22.67
CA SER E 277 -3.04 9.82 23.71
C SER E 277 -3.97 10.89 24.30
N SER E 278 -5.21 10.48 24.52
CA SER E 278 -6.24 11.36 25.09
C SER E 278 -6.02 11.63 26.57
N SER E 279 -5.16 10.84 27.22
CA SER E 279 -4.91 10.99 28.65
C SER E 279 -4.02 12.18 28.93
N LEU E 280 -3.08 12.42 28.02
CA LEU E 280 -2.05 13.44 28.18
C LEU E 280 -2.64 14.83 28.40
N PRO E 281 -1.97 15.62 29.26
CA PRO E 281 -2.39 17.01 29.50
C PRO E 281 -2.37 17.80 28.20
N ILE E 282 -3.39 18.61 27.96
CA ILE E 282 -3.48 19.38 26.72
C ILE E 282 -2.33 20.42 26.63
N GLU E 283 -1.54 20.32 25.57
CA GLU E 283 -0.38 21.20 25.41
C GLU E 283 -0.47 22.06 24.14
N GLY E 284 0.21 23.21 24.17
CA GLY E 284 0.19 24.12 23.04
C GLY E 284 1.26 23.82 21.99
N THR E 285 1.03 24.36 20.80
CA THR E 285 1.96 24.27 19.71
C THR E 285 3.08 25.33 19.79
N PRO E 286 4.36 24.93 19.55
CA PRO E 286 5.47 25.89 19.54
C PRO E 286 5.26 27.03 18.56
N PRO E 287 5.81 28.23 18.86
CA PRO E 287 5.74 29.32 17.89
C PRO E 287 6.43 28.92 16.59
N PRO E 288 5.85 29.32 15.45
CA PRO E 288 6.34 28.81 14.18
C PRO E 288 7.70 29.43 13.79
N GLN E 289 8.61 28.62 13.28
CA GLN E 289 9.91 29.09 12.76
C GLN E 289 10.25 28.43 11.43
N MET E 290 10.91 29.17 10.54
CA MET E 290 11.28 28.60 9.24
C MET E 290 12.28 27.47 9.47
N PRO E 291 11.98 26.27 8.96
CA PRO E 291 12.92 25.17 9.16
C PRO E 291 14.19 25.36 8.34
N HIS E 292 15.27 24.75 8.76
CA HIS E 292 16.51 24.82 8.02
C HIS E 292 16.51 23.78 6.93
N PHE E 293 17.39 23.99 5.96
CA PHE E 293 17.61 23.02 4.92
C PHE E 293 18.37 21.84 5.52
N ARG E 294 18.26 20.70 4.86
CA ARG E 294 18.99 19.51 5.23
C ARG E 294 20.49 19.73 5.06
N LYS E 295 21.27 19.24 6.02
CA LYS E 295 22.73 19.33 5.97
C LYS E 295 23.30 18.85 4.63
N LEU E 296 24.37 19.52 4.18
CA LEU E 296 25.04 19.17 2.94
C LEU E 296 26.41 18.51 3.20
#